data_6PZ7
#
_entry.id   6PZ7
#
_cell.length_a   51.721
_cell.length_b   51.965
_cell.length_c   102.995
_cell.angle_alpha   90.000
_cell.angle_beta   90.000
_cell.angle_gamma   90.000
#
_symmetry.space_group_name_H-M   'P 21 21 21'
#
loop_
_entity.id
_entity.type
_entity.pdbx_description
1 polymer 'Endoglucanase family 5'
2 non-polymer 1,2-ETHANEDIOL
3 non-polymer 'CHLORIDE ION'
4 water water
#
_entity_poly.entity_id   1
_entity_poly.type   'polypeptide(L)'
_entity_poly.pdbx_seq_one_letter_code
;SVNPHDMTSQQIVNDMKVGWNLGNTLDASPDETGWGNPKTTKAMIDKIKEAGFNTVRIPVSWSSHIGAGPSYTIDQAWLN
RVQEVVNYVIQDHMYAILNTHHDTSWIIPTYNKEAASTDELTKVWGQIANRFKDYDSHLIFQTLNEPRIVGSPEEWNGGT
AESRDVINKFNLTAVNTIRSTGSNNSSRFIMVPTYAASTATAAMNDLVIPNNDKRVIVSLHMYAPYSFAMDPKGTSHWGG
EADKDALDGQLNAIYNKFVKNGQPVVIGQFGSINKNNESSRASLAKFYVSDARKKGITTVWWDNGKSAVGDDNYGILDRN
NLTWVFPKLVRTIVN
;
_entity_poly.pdbx_strand_id   A
#
loop_
_chem_comp.id
_chem_comp.type
_chem_comp.name
_chem_comp.formula
CL non-polymer 'CHLORIDE ION' 'Cl -1'
EDO non-polymer 1,2-ETHANEDIOL 'C2 H6 O2'
#
# COMPACT_ATOMS: atom_id res chain seq x y z
N ASP A 6 18.20 15.71 -0.81
CA ASP A 6 19.36 14.89 -1.14
C ASP A 6 19.17 13.42 -0.72
N MET A 7 18.05 13.12 -0.07
CA MET A 7 17.88 11.78 0.48
CA MET A 7 17.80 11.79 0.48
C MET A 7 17.72 10.75 -0.63
N THR A 8 18.22 9.56 -0.37
CA THR A 8 18.04 8.44 -1.26
C THR A 8 16.74 7.72 -0.93
N SER A 9 16.33 6.85 -1.85
N SER A 9 16.31 6.86 -1.86
CA SER A 9 15.12 6.04 -1.64
CA SER A 9 15.13 6.04 -1.63
C SER A 9 15.26 5.11 -0.45
C SER A 9 15.28 5.18 -0.39
N GLN A 10 16.47 4.60 -0.18
CA GLN A 10 16.63 3.73 0.99
C GLN A 10 16.57 4.55 2.28
N GLN A 11 17.13 5.76 2.26
CA GLN A 11 17.01 6.64 3.42
C GLN A 11 15.55 6.99 3.71
N ILE A 12 14.76 7.20 2.66
CA ILE A 12 13.33 7.46 2.83
C ILE A 12 12.66 6.25 3.46
N VAL A 13 12.89 5.05 2.91
CA VAL A 13 12.28 3.85 3.45
C VAL A 13 12.63 3.67 4.94
N ASN A 14 13.89 3.89 5.30
CA ASN A 14 14.27 3.76 6.69
C ASN A 14 13.56 4.79 7.55
N ASP A 15 13.44 6.02 7.06
CA ASP A 15 12.81 7.09 7.82
C ASP A 15 11.32 6.82 8.03
N MET A 16 10.67 6.15 7.08
CA MET A 16 9.26 5.82 7.19
C MET A 16 8.99 4.95 8.42
N LYS A 17 9.97 4.09 8.77
CA LYS A 17 10.02 3.31 10.02
CA LYS A 17 10.02 3.31 10.01
C LYS A 17 9.02 2.16 10.08
N VAL A 18 7.74 2.47 10.21
CA VAL A 18 6.67 1.49 10.34
C VAL A 18 5.39 2.28 10.11
N GLY A 19 4.44 1.65 9.45
CA GLY A 19 3.22 2.32 9.04
C GLY A 19 1.93 1.60 9.45
N TRP A 20 0.84 2.36 9.30
CA TRP A 20 -0.52 1.91 9.55
C TRP A 20 -1.38 2.32 8.37
N ASN A 21 -2.19 1.40 7.85
CA ASN A 21 -3.14 1.67 6.77
C ASN A 21 -4.49 2.15 7.31
N LEU A 22 -5.00 3.22 6.71
CA LEU A 22 -6.39 3.67 6.91
C LEU A 22 -7.30 2.86 5.99
N GLY A 23 -7.44 1.57 6.30
CA GLY A 23 -8.11 0.65 5.39
C GLY A 23 -9.62 0.68 5.45
N ASN A 24 -10.25 0.25 4.36
CA ASN A 24 -11.70 0.22 4.26
C ASN A 24 -12.32 1.57 4.55
N THR A 25 -11.68 2.63 4.03
CA THR A 25 -12.04 4.00 4.30
C THR A 25 -12.18 4.74 2.97
N LEU A 26 -11.18 5.51 2.52
CA LEU A 26 -11.26 6.13 1.21
C LEU A 26 -11.20 5.14 0.05
N ASP A 27 -10.83 3.91 0.37
CA ASP A 27 -10.86 2.78 -0.54
C ASP A 27 -12.21 2.11 -0.59
N ALA A 28 -13.11 2.42 0.35
CA ALA A 28 -14.48 1.93 0.30
C ALA A 28 -15.23 2.66 -0.79
N SER A 29 -16.43 2.19 -1.11
CA SER A 29 -17.27 2.85 -2.09
C SER A 29 -18.72 2.72 -1.65
N PRO A 30 -19.58 3.62 -2.08
CA PRO A 30 -19.25 4.76 -2.93
C PRO A 30 -18.56 5.89 -2.20
N ASP A 31 -18.54 5.85 -0.86
CA ASP A 31 -17.89 6.91 -0.10
C ASP A 31 -17.26 6.32 1.14
N GLU A 32 -16.63 7.21 1.93
CA GLU A 32 -15.70 6.84 2.98
C GLU A 32 -16.31 5.96 4.06
N THR A 33 -17.58 6.15 4.37
CA THR A 33 -18.27 5.41 5.41
C THR A 33 -18.99 4.17 4.87
N GLY A 34 -18.83 3.88 3.58
CA GLY A 34 -19.65 2.85 2.94
C GLY A 34 -19.44 1.46 3.45
N TRP A 35 -18.28 1.18 4.03
CA TRP A 35 -17.96 -0.14 4.55
C TRP A 35 -17.94 -0.17 6.07
N GLY A 36 -18.58 0.78 6.71
CA GLY A 36 -18.83 0.71 8.13
C GLY A 36 -17.87 1.47 9.00
N ASN A 37 -16.83 2.09 8.47
CA ASN A 37 -15.94 2.90 9.27
C ASN A 37 -16.53 4.28 9.45
N PRO A 38 -16.25 4.92 10.58
CA PRO A 38 -16.69 6.31 10.79
C PRO A 38 -15.87 7.23 9.89
N LYS A 39 -16.38 8.42 9.65
CA LYS A 39 -15.58 9.42 8.94
C LYS A 39 -14.29 9.68 9.70
N THR A 40 -13.17 9.69 8.98
CA THR A 40 -11.87 9.83 9.65
C THR A 40 -11.73 11.22 10.26
N THR A 41 -11.13 11.27 11.44
CA THR A 41 -10.86 12.53 12.13
C THR A 41 -9.36 12.67 12.41
N LYS A 42 -8.96 13.92 12.62
CA LYS A 42 -7.60 14.21 13.04
CA LYS A 42 -7.59 14.19 13.02
C LYS A 42 -7.24 13.44 14.30
N ALA A 43 -8.19 13.32 15.23
CA ALA A 43 -7.91 12.64 16.50
C ALA A 43 -7.55 11.18 16.28
N MET A 44 -8.16 10.52 15.30
CA MET A 44 -7.78 9.14 14.98
C MET A 44 -6.33 9.07 14.52
N ILE A 45 -5.95 9.98 13.62
CA ILE A 45 -4.58 10.01 13.11
C ILE A 45 -3.58 10.39 14.21
N ASP A 46 -3.98 11.28 15.13
CA ASP A 46 -3.15 11.59 16.27
C ASP A 46 -2.86 10.34 17.10
N LYS A 47 -3.84 9.45 17.25
CA LYS A 47 -3.60 8.20 17.99
C LYS A 47 -2.49 7.38 17.32
N ILE A 48 -2.49 7.33 15.99
CA ILE A 48 -1.46 6.64 15.23
C ILE A 48 -0.09 7.22 15.52
N LYS A 49 0.03 8.54 15.45
CA LYS A 49 1.29 9.20 15.73
C LYS A 49 1.76 8.94 17.15
N GLU A 50 0.85 9.05 18.11
CA GLU A 50 1.19 8.88 19.51
C GLU A 50 1.66 7.47 19.82
N ALA A 51 1.23 6.47 19.07
CA ALA A 51 1.67 5.09 19.29
C ALA A 51 3.08 4.87 18.78
N GLY A 52 3.59 5.69 17.89
CA GLY A 52 4.95 5.56 17.39
C GLY A 52 5.07 5.18 15.91
N PHE A 53 3.97 5.07 15.19
CA PHE A 53 4.07 4.91 13.76
C PHE A 53 4.65 6.19 13.15
N ASN A 54 5.36 6.06 12.01
CA ASN A 54 5.82 7.24 11.28
C ASN A 54 5.29 7.33 9.87
N THR A 55 4.38 6.45 9.47
CA THR A 55 3.77 6.45 8.15
C THR A 55 2.31 6.04 8.26
N VAL A 56 1.45 6.72 7.51
CA VAL A 56 0.08 6.28 7.28
C VAL A 56 -0.10 6.08 5.78
N ARG A 57 -0.54 4.90 5.41
CA ARG A 57 -0.95 4.64 4.03
C ARG A 57 -2.44 4.93 3.93
N ILE A 58 -2.80 5.70 2.91
CA ILE A 58 -4.15 6.20 2.66
C ILE A 58 -4.61 5.57 1.34
N PRO A 59 -5.17 4.38 1.39
CA PRO A 59 -5.70 3.78 0.16
C PRO A 59 -6.88 4.59 -0.32
N VAL A 60 -6.94 4.85 -1.61
CA VAL A 60 -8.04 5.61 -2.21
C VAL A 60 -8.54 4.89 -3.45
N SER A 61 -9.82 4.57 -3.47
CA SER A 61 -10.46 3.99 -4.65
C SER A 61 -11.12 5.13 -5.42
N TRP A 62 -10.66 5.37 -6.63
CA TRP A 62 -11.11 6.54 -7.40
C TRP A 62 -12.31 6.27 -8.27
N SER A 63 -12.57 4.99 -8.59
CA SER A 63 -13.52 4.62 -9.64
CA SER A 63 -13.52 4.61 -9.64
C SER A 63 -14.85 5.36 -9.55
N SER A 64 -15.46 5.39 -8.37
CA SER A 64 -16.80 5.96 -8.26
CA SER A 64 -16.78 5.96 -8.15
C SER A 64 -16.79 7.48 -8.25
N HIS A 65 -15.63 8.09 -8.39
CA HIS A 65 -15.46 9.54 -8.36
C HIS A 65 -14.89 10.09 -9.66
N ILE A 66 -14.80 9.26 -10.70
CA ILE A 66 -14.26 9.62 -12.00
C ILE A 66 -15.42 9.74 -13.00
N GLY A 67 -15.47 10.84 -13.71
N GLY A 67 -15.47 10.84 -13.71
CA GLY A 67 -16.47 11.07 -14.73
CA GLY A 67 -16.47 11.07 -14.73
C GLY A 67 -16.18 10.36 -16.04
C GLY A 67 -16.18 10.36 -16.04
N ALA A 68 -17.01 10.65 -17.02
N ALA A 68 -17.01 10.65 -17.02
CA ALA A 68 -16.91 9.97 -18.31
CA ALA A 68 -16.91 9.97 -18.31
C ALA A 68 -15.61 10.34 -19.01
C ALA A 68 -15.61 10.34 -19.01
N GLY A 69 -15.07 9.41 -19.79
CA GLY A 69 -14.05 9.73 -20.74
C GLY A 69 -14.59 10.72 -21.77
N PRO A 70 -13.73 11.49 -22.46
CA PRO A 70 -12.28 11.36 -22.41
C PRO A 70 -11.59 12.25 -21.39
N SER A 71 -12.35 13.03 -20.63
CA SER A 71 -11.80 13.92 -19.60
C SER A 71 -11.55 13.20 -18.27
N TYR A 72 -12.37 12.21 -17.93
CA TYR A 72 -12.21 11.42 -16.72
C TYR A 72 -12.07 12.33 -15.50
N THR A 73 -12.95 13.31 -15.39
CA THR A 73 -12.82 14.33 -14.34
C THR A 73 -13.02 13.71 -12.96
N ILE A 74 -12.10 13.96 -12.06
CA ILE A 74 -12.25 13.51 -10.68
C ILE A 74 -13.10 14.54 -9.95
N ASP A 75 -14.14 14.06 -9.27
CA ASP A 75 -14.99 14.95 -8.50
C ASP A 75 -14.19 15.83 -7.55
N GLN A 76 -14.37 17.14 -7.62
CA GLN A 76 -13.61 18.04 -6.78
C GLN A 76 -13.86 17.82 -5.30
N ALA A 77 -15.10 17.55 -4.92
CA ALA A 77 -15.36 17.33 -3.49
C ALA A 77 -14.63 16.10 -2.98
N TRP A 78 -14.48 15.07 -3.80
CA TRP A 78 -13.73 13.90 -3.39
C TRP A 78 -12.26 14.25 -3.21
N LEU A 79 -11.66 14.94 -4.19
CA LEU A 79 -10.28 15.36 -4.03
C LEU A 79 -10.11 16.21 -2.78
N ASN A 80 -11.05 17.09 -2.50
CA ASN A 80 -10.95 17.93 -1.32
C ASN A 80 -10.93 17.08 -0.05
N ARG A 81 -11.78 16.04 0.01
CA ARG A 81 -11.79 15.15 1.17
C ARG A 81 -10.51 14.35 1.29
N VAL A 82 -10.01 13.83 0.17
CA VAL A 82 -8.74 13.10 0.20
C VAL A 82 -7.65 14.02 0.76
N GLN A 83 -7.63 15.27 0.32
N GLN A 83 -7.63 15.27 0.32
CA GLN A 83 -6.61 16.18 0.82
CA GLN A 83 -6.61 16.18 0.81
C GLN A 83 -6.76 16.44 2.32
C GLN A 83 -6.76 16.47 2.31
N GLU A 84 -7.98 16.53 2.82
CA GLU A 84 -8.18 16.69 4.26
C GLU A 84 -7.49 15.57 5.02
N VAL A 85 -7.65 14.32 4.55
CA VAL A 85 -7.08 13.14 5.22
C VAL A 85 -5.57 13.12 5.07
N VAL A 86 -5.05 13.41 3.87
CA VAL A 86 -3.62 13.58 3.70
C VAL A 86 -3.09 14.61 4.69
N ASN A 87 -3.79 15.73 4.84
CA ASN A 87 -3.33 16.76 5.77
C ASN A 87 -3.31 16.30 7.21
N TYR A 88 -4.25 15.46 7.66
CA TYR A 88 -4.17 14.96 9.04
C TYR A 88 -2.79 14.33 9.25
N VAL A 89 -2.37 13.49 8.29
CA VAL A 89 -1.13 12.74 8.40
C VAL A 89 0.08 13.69 8.31
N ILE A 90 0.10 14.55 7.29
CA ILE A 90 1.22 15.45 7.07
C ILE A 90 1.38 16.41 8.23
N GLN A 91 0.26 16.95 8.75
CA GLN A 91 0.31 17.87 9.88
C GLN A 91 0.84 17.20 11.16
N ASP A 92 0.79 15.88 11.23
CA ASP A 92 1.36 15.12 12.33
C ASP A 92 2.81 14.71 12.05
N HIS A 93 3.43 15.26 11.02
CA HIS A 93 4.83 15.02 10.71
C HIS A 93 5.12 13.52 10.50
N MET A 94 4.21 12.83 9.83
CA MET A 94 4.39 11.46 9.35
C MET A 94 4.48 11.48 7.82
N TYR A 95 5.00 10.39 7.29
CA TYR A 95 4.87 10.09 5.86
C TYR A 95 3.45 9.67 5.56
N ALA A 96 2.93 10.11 4.41
CA ALA A 96 1.64 9.70 3.89
C ALA A 96 1.88 9.01 2.55
N ILE A 97 1.28 7.83 2.34
CA ILE A 97 1.28 7.14 1.05
C ILE A 97 -0.10 7.29 0.45
N LEU A 98 -0.20 7.89 -0.73
CA LEU A 98 -1.45 8.10 -1.43
C LEU A 98 -1.44 7.25 -2.69
N ASN A 99 -2.45 6.42 -2.87
CA ASN A 99 -2.44 5.47 -4.00
C ASN A 99 -3.68 5.59 -4.89
N THR A 100 -3.73 4.69 -5.90
CA THR A 100 -5.00 4.18 -6.41
C THR A 100 -5.19 2.78 -5.85
N HIS A 101 -6.45 2.39 -5.63
CA HIS A 101 -6.74 1.21 -4.80
C HIS A 101 -7.64 0.28 -5.58
N HIS A 102 -8.91 0.15 -5.21
CA HIS A 102 -9.86 -0.79 -5.88
C HIS A 102 -10.36 -0.19 -7.18
N ASP A 103 -9.44 -0.13 -8.14
CA ASP A 103 -9.57 0.50 -9.45
C ASP A 103 -9.35 -0.49 -10.59
N THR A 104 -9.47 -1.79 -10.27
CA THR A 104 -9.31 -2.83 -11.29
C THR A 104 -10.40 -2.80 -12.34
N SER A 105 -11.53 -2.13 -12.09
CA SER A 105 -12.58 -2.08 -13.09
C SER A 105 -12.14 -1.36 -14.34
N TRP A 106 -11.20 -0.39 -14.24
CA TRP A 106 -10.76 0.41 -15.36
C TRP A 106 -9.26 0.30 -15.59
N ILE A 107 -8.49 -0.28 -14.68
CA ILE A 107 -7.07 -0.57 -14.86
C ILE A 107 -6.99 -2.08 -15.12
N ILE A 108 -6.78 -2.47 -16.37
CA ILE A 108 -6.92 -3.88 -16.80
C ILE A 108 -5.67 -4.32 -17.53
N PRO A 109 -4.80 -5.14 -16.87
CA PRO A 109 -3.48 -5.43 -17.48
C PRO A 109 -3.52 -6.59 -18.48
N THR A 110 -4.14 -6.33 -19.63
CA THR A 110 -4.04 -7.22 -20.81
C THR A 110 -3.61 -6.36 -21.99
N TYR A 111 -3.02 -7.00 -23.01
CA TYR A 111 -2.67 -6.27 -24.21
C TYR A 111 -3.91 -5.68 -24.87
N ASN A 112 -5.01 -6.40 -24.81
CA ASN A 112 -6.24 -5.94 -25.45
C ASN A 112 -6.77 -4.66 -24.78
N LYS A 113 -6.71 -4.57 -23.43
CA LYS A 113 -7.25 -3.41 -22.71
C LYS A 113 -6.21 -2.35 -22.43
N GLU A 114 -4.94 -2.59 -22.80
CA GLU A 114 -3.85 -1.72 -22.36
CA GLU A 114 -3.84 -1.73 -22.36
C GLU A 114 -4.03 -0.29 -22.81
N ALA A 115 -4.36 -0.05 -24.08
CA ALA A 115 -4.40 1.33 -24.58
C ALA A 115 -5.43 2.15 -23.84
N ALA A 116 -6.62 1.61 -23.61
CA ALA A 116 -7.65 2.39 -22.95
C ALA A 116 -7.33 2.63 -21.49
N SER A 117 -6.79 1.61 -20.81
CA SER A 117 -6.38 1.77 -19.42
C SER A 117 -5.23 2.75 -19.29
N THR A 118 -4.26 2.71 -20.20
CA THR A 118 -3.14 3.65 -20.18
C THR A 118 -3.63 5.09 -20.33
N ASP A 119 -4.57 5.28 -21.25
CA ASP A 119 -5.09 6.62 -21.46
C ASP A 119 -5.79 7.11 -20.19
N GLU A 120 -6.65 6.30 -19.60
CA GLU A 120 -7.37 6.75 -18.41
C GLU A 120 -6.40 6.98 -17.25
N LEU A 121 -5.39 6.12 -17.09
CA LEU A 121 -4.41 6.30 -16.04
C LEU A 121 -3.70 7.61 -16.19
N THR A 122 -3.37 8.00 -17.41
CA THR A 122 -2.72 9.29 -17.65
C THR A 122 -3.62 10.42 -17.16
N LYS A 123 -4.89 10.40 -17.55
N LYS A 123 -4.89 10.38 -17.53
CA LYS A 123 -5.80 11.47 -17.17
CA LYS A 123 -5.79 11.49 -17.17
C LYS A 123 -6.02 11.52 -15.66
C LYS A 123 -6.10 11.52 -15.69
N VAL A 124 -6.19 10.36 -15.05
CA VAL A 124 -6.51 10.28 -13.62
C VAL A 124 -5.27 10.64 -12.76
N TRP A 125 -4.13 10.01 -13.02
CA TRP A 125 -2.92 10.40 -12.28
C TRP A 125 -2.53 11.84 -12.56
N GLY A 126 -2.81 12.39 -13.75
CA GLY A 126 -2.49 13.79 -13.98
C GLY A 126 -3.23 14.70 -13.03
N GLN A 127 -4.51 14.41 -12.78
CA GLN A 127 -5.30 15.21 -11.85
C GLN A 127 -4.85 15.01 -10.40
N ILE A 128 -4.63 13.76 -9.97
CA ILE A 128 -4.18 13.51 -8.61
C ILE A 128 -2.84 14.21 -8.36
N ALA A 129 -1.90 13.99 -9.27
CA ALA A 129 -0.57 14.55 -9.13
C ALA A 129 -0.63 16.07 -9.11
N ASN A 130 -1.42 16.67 -10.00
CA ASN A 130 -1.53 18.13 -10.01
CA ASN A 130 -1.50 18.13 -10.00
C ASN A 130 -2.03 18.67 -8.67
N ARG A 131 -3.06 18.02 -8.10
CA ARG A 131 -3.61 18.53 -6.85
CA ARG A 131 -3.62 18.52 -6.85
C ARG A 131 -2.58 18.47 -5.73
N PHE A 132 -1.73 17.46 -5.72
CA PHE A 132 -0.81 17.21 -4.61
C PHE A 132 0.64 17.60 -4.91
N LYS A 133 0.86 18.40 -5.94
CA LYS A 133 2.21 18.61 -6.47
CA LYS A 133 2.21 18.60 -6.46
C LYS A 133 3.11 19.38 -5.51
N ASP A 134 2.55 20.21 -4.64
CA ASP A 134 3.38 21.09 -3.81
C ASP A 134 3.78 20.50 -2.47
N TYR A 135 3.32 19.32 -2.11
CA TYR A 135 3.73 18.67 -0.87
C TYR A 135 5.23 18.33 -0.94
N ASP A 136 5.87 18.24 0.22
CA ASP A 136 7.28 17.84 0.30
C ASP A 136 7.40 16.31 0.22
N SER A 137 8.60 15.82 0.46
CA SER A 137 8.90 14.40 0.25
C SER A 137 8.26 13.49 1.27
N HIS A 138 7.58 14.04 2.29
CA HIS A 138 6.80 13.17 3.18
C HIS A 138 5.55 12.63 2.52
N LEU A 139 5.09 13.18 1.41
CA LEU A 139 3.99 12.60 0.64
C LEU A 139 4.58 11.75 -0.48
N ILE A 140 4.28 10.46 -0.43
CA ILE A 140 4.71 9.45 -1.40
C ILE A 140 3.49 9.04 -2.21
N PHE A 141 3.66 8.92 -3.53
CA PHE A 141 2.60 8.39 -4.38
C PHE A 141 2.86 6.90 -4.62
N GLN A 142 1.82 6.09 -4.61
CA GLN A 142 1.90 4.67 -4.95
C GLN A 142 0.99 4.50 -6.18
N THR A 143 1.57 4.08 -7.28
CA THR A 143 0.87 4.17 -8.58
C THR A 143 -0.39 3.34 -8.62
N LEU A 144 -0.30 2.09 -8.13
CA LEU A 144 -1.30 1.05 -8.22
C LEU A 144 -1.24 0.25 -6.95
N ASN A 145 -2.35 -0.41 -6.59
CA ASN A 145 -2.41 -1.22 -5.36
C ASN A 145 -2.03 -2.66 -5.65
N GLU A 146 -2.96 -3.47 -6.14
CA GLU A 146 -2.75 -4.87 -6.47
C GLU A 146 -3.24 -5.11 -7.90
N PRO A 147 -2.58 -4.51 -8.87
CA PRO A 147 -3.11 -4.57 -10.25
C PRO A 147 -3.07 -6.00 -10.75
N ARG A 148 -4.17 -6.45 -11.33
CA ARG A 148 -4.35 -7.87 -11.63
C ARG A 148 -5.60 -8.06 -12.47
N ILE A 149 -5.79 -9.31 -12.91
CA ILE A 149 -6.99 -9.72 -13.63
C ILE A 149 -7.88 -10.51 -12.66
N VAL A 150 -8.91 -9.86 -12.16
CA VAL A 150 -9.78 -10.50 -11.18
C VAL A 150 -10.50 -11.67 -11.86
N GLY A 151 -10.49 -12.82 -11.19
CA GLY A 151 -11.08 -14.03 -11.71
C GLY A 151 -10.17 -14.86 -12.56
N SER A 152 -8.96 -14.40 -12.85
CA SER A 152 -8.11 -15.27 -13.63
CA SER A 152 -7.98 -15.18 -13.61
C SER A 152 -7.47 -16.33 -12.74
N PRO A 153 -7.11 -17.47 -13.33
CA PRO A 153 -6.49 -18.53 -12.50
C PRO A 153 -5.25 -18.07 -11.78
N GLU A 154 -4.50 -17.15 -12.36
CA GLU A 154 -3.23 -16.67 -11.83
C GLU A 154 -3.35 -15.44 -10.97
N GLU A 155 -4.57 -15.01 -10.64
CA GLU A 155 -4.78 -13.77 -9.89
C GLU A 155 -3.91 -13.67 -8.65
N TRP A 156 -3.83 -14.75 -7.87
CA TRP A 156 -3.06 -14.75 -6.63
C TRP A 156 -1.78 -15.56 -6.73
N ASN A 157 -1.32 -15.84 -7.93
CA ASN A 157 -0.12 -16.61 -8.20
C ASN A 157 0.94 -15.82 -8.98
N GLY A 158 0.83 -14.51 -9.02
CA GLY A 158 1.80 -13.69 -9.72
C GLY A 158 1.48 -13.42 -11.17
N GLY A 159 0.28 -13.78 -11.63
CA GLY A 159 -0.17 -13.36 -12.94
C GLY A 159 0.44 -14.18 -14.07
N THR A 160 0.47 -13.58 -15.25
CA THR A 160 0.98 -14.19 -16.46
C THR A 160 2.06 -13.28 -17.05
N ALA A 161 2.80 -13.82 -18.01
CA ALA A 161 3.78 -12.98 -18.68
C ALA A 161 3.12 -11.76 -19.30
N GLU A 162 1.96 -11.94 -19.93
CA GLU A 162 1.23 -10.80 -20.52
C GLU A 162 0.91 -9.74 -19.48
N SER A 163 0.28 -10.14 -18.37
CA SER A 163 -0.17 -9.14 -17.41
CA SER A 163 -0.17 -9.14 -17.42
C SER A 163 0.98 -8.48 -16.70
N ARG A 164 2.05 -9.24 -16.41
CA ARG A 164 3.25 -8.63 -15.81
C ARG A 164 3.86 -7.58 -16.73
N ASP A 165 3.90 -7.88 -18.03
CA ASP A 165 4.39 -6.91 -19.02
C ASP A 165 3.54 -5.65 -18.99
N VAL A 166 2.23 -5.79 -19.05
CA VAL A 166 1.35 -4.62 -19.09
C VAL A 166 1.44 -3.82 -17.79
N ILE A 167 1.58 -4.47 -16.65
CA ILE A 167 1.75 -3.70 -15.42
C ILE A 167 2.98 -2.83 -15.48
N ASN A 168 4.07 -3.32 -16.09
CA ASN A 168 5.24 -2.46 -16.20
C ASN A 168 4.91 -1.20 -17.01
N LYS A 169 4.11 -1.35 -18.08
CA LYS A 169 3.69 -0.20 -18.87
CA LYS A 169 3.69 -0.20 -18.87
C LYS A 169 2.81 0.74 -18.07
N PHE A 170 1.89 0.19 -17.28
CA PHE A 170 1.05 1.05 -16.46
C PHE A 170 1.86 1.81 -15.42
N ASN A 171 2.82 1.15 -14.75
CA ASN A 171 3.64 1.85 -13.77
C ASN A 171 4.46 2.95 -14.45
N LEU A 172 5.00 2.67 -15.63
CA LEU A 172 5.75 3.67 -16.37
C LEU A 172 4.88 4.86 -16.73
N THR A 173 3.67 4.60 -17.23
CA THR A 173 2.74 5.67 -17.56
C THR A 173 2.47 6.52 -16.34
N ALA A 174 2.18 5.90 -15.21
CA ALA A 174 1.89 6.66 -13.99
C ALA A 174 3.09 7.49 -13.53
N VAL A 175 4.28 6.91 -13.51
CA VAL A 175 5.48 7.66 -13.11
C VAL A 175 5.70 8.84 -14.04
N ASN A 176 5.63 8.62 -15.36
CA ASN A 176 5.87 9.72 -16.29
C ASN A 176 4.82 10.83 -16.11
N THR A 177 3.56 10.44 -15.93
CA THR A 177 2.49 11.42 -15.74
C THR A 177 2.72 12.23 -14.46
N ILE A 178 3.07 11.57 -13.36
CA ILE A 178 3.38 12.27 -12.12
C ILE A 178 4.49 13.26 -12.37
N ARG A 179 5.61 12.79 -12.90
CA ARG A 179 6.78 13.66 -13.04
C ARG A 179 6.51 14.85 -13.97
N SER A 180 5.66 14.65 -14.97
CA SER A 180 5.36 15.67 -15.96
CA SER A 180 5.40 15.70 -15.95
C SER A 180 4.67 16.88 -15.35
N THR A 181 4.03 16.70 -14.20
CA THR A 181 3.32 17.82 -13.57
C THR A 181 4.23 18.79 -12.82
N GLY A 182 5.51 18.45 -12.63
CA GLY A 182 6.46 19.43 -12.08
C GLY A 182 6.28 19.73 -10.59
N SER A 183 6.79 20.91 -10.20
CA SER A 183 6.92 21.28 -8.80
C SER A 183 7.63 20.13 -8.07
N ASN A 184 7.18 19.77 -6.86
CA ASN A 184 7.85 18.73 -6.11
C ASN A 184 7.60 17.35 -6.67
N ASN A 185 6.69 17.20 -7.64
CA ASN A 185 6.51 15.91 -8.29
C ASN A 185 7.71 15.52 -9.13
N SER A 186 8.60 16.45 -9.47
CA SER A 186 9.81 16.09 -10.21
CA SER A 186 9.80 16.10 -10.21
C SER A 186 10.72 15.21 -9.38
N SER A 187 10.64 15.32 -8.05
CA SER A 187 11.54 14.59 -7.16
C SER A 187 10.81 13.78 -6.10
N ARG A 188 9.49 13.67 -6.18
CA ARG A 188 8.72 12.88 -5.20
C ARG A 188 9.11 11.40 -5.31
N PHE A 189 9.14 10.72 -4.19
CA PHE A 189 9.31 9.27 -4.16
C PHE A 189 8.00 8.58 -4.52
N ILE A 190 8.13 7.52 -5.29
CA ILE A 190 6.99 6.81 -5.90
C ILE A 190 7.14 5.33 -5.65
N MET A 191 6.10 4.71 -5.12
CA MET A 191 6.03 3.26 -4.97
C MET A 191 5.31 2.64 -6.15
N VAL A 192 5.85 1.53 -6.67
CA VAL A 192 5.24 0.77 -7.78
C VAL A 192 5.18 -0.71 -7.41
N PRO A 193 4.04 -1.38 -7.61
CA PRO A 193 3.94 -2.80 -7.28
C PRO A 193 4.26 -3.71 -8.45
N THR A 194 4.59 -4.97 -8.09
CA THR A 194 4.49 -6.12 -8.97
C THR A 194 3.01 -6.40 -9.27
N TYR A 195 2.77 -7.39 -10.13
CA TYR A 195 1.43 -7.93 -10.35
C TYR A 195 0.84 -8.31 -9.00
N ALA A 196 -0.33 -7.75 -8.69
CA ALA A 196 -1.08 -7.98 -7.44
C ALA A 196 -0.28 -7.61 -6.19
N ALA A 197 0.79 -6.84 -6.31
CA ALA A 197 1.75 -6.62 -5.23
C ALA A 197 2.29 -7.93 -4.68
N SER A 198 2.31 -8.97 -5.53
CA SER A 198 2.74 -10.30 -5.15
C SER A 198 4.24 -10.41 -4.95
N THR A 199 4.61 -11.29 -4.03
CA THR A 199 6.00 -11.73 -3.81
C THR A 199 6.32 -13.01 -4.59
N ALA A 200 5.42 -13.48 -5.44
CA ALA A 200 5.73 -14.65 -6.28
C ALA A 200 7.02 -14.38 -7.03
N THR A 201 7.82 -15.43 -7.20
CA THR A 201 9.12 -15.32 -7.86
C THR A 201 9.02 -14.63 -9.23
N ALA A 202 8.08 -15.05 -10.06
CA ALA A 202 7.99 -14.50 -11.41
C ALA A 202 7.51 -13.05 -11.38
N ALA A 203 6.62 -12.71 -10.43
CA ALA A 203 6.17 -11.33 -10.30
C ALA A 203 7.33 -10.41 -9.96
N MET A 204 8.17 -10.82 -9.02
CA MET A 204 9.32 -10.01 -8.66
C MET A 204 10.34 -9.98 -9.78
N ASN A 205 10.54 -11.09 -10.48
CA ASN A 205 11.56 -11.13 -11.54
C ASN A 205 11.19 -10.27 -12.74
N ASP A 206 9.91 -10.14 -13.05
CA ASP A 206 9.50 -9.45 -14.25
C ASP A 206 9.27 -7.95 -14.06
N LEU A 207 9.31 -7.46 -12.83
CA LEU A 207 9.14 -6.04 -12.57
CA LEU A 207 9.15 -6.04 -12.57
C LEU A 207 10.27 -5.26 -13.23
N VAL A 208 9.90 -4.19 -13.92
CA VAL A 208 10.84 -3.21 -14.46
C VAL A 208 10.59 -1.88 -13.77
N ILE A 209 11.62 -1.30 -13.17
CA ILE A 209 11.48 0.02 -12.55
C ILE A 209 11.33 1.08 -13.64
N PRO A 210 10.25 1.85 -13.68
CA PRO A 210 10.07 2.87 -14.73
C PRO A 210 11.28 3.78 -14.87
N ASN A 211 11.85 3.83 -16.08
CA ASN A 211 12.97 4.72 -16.42
C ASN A 211 14.21 4.47 -15.55
N ASN A 212 14.27 3.33 -14.84
CA ASN A 212 15.33 3.12 -13.85
C ASN A 212 15.43 4.34 -12.93
N ASP A 213 14.28 4.88 -12.55
CA ASP A 213 14.19 6.08 -11.71
C ASP A 213 14.69 5.77 -10.31
N LYS A 214 15.68 6.56 -9.85
CA LYS A 214 16.31 6.31 -8.56
C LYS A 214 15.41 6.63 -7.37
N ARG A 215 14.27 7.27 -7.61
CA ARG A 215 13.33 7.63 -6.57
C ARG A 215 12.10 6.75 -6.56
N VAL A 216 12.17 5.58 -7.20
CA VAL A 216 11.10 4.59 -7.18
C VAL A 216 11.41 3.48 -6.19
N ILE A 217 10.42 3.13 -5.38
CA ILE A 217 10.47 2.10 -4.36
C ILE A 217 9.52 0.98 -4.80
N VAL A 218 9.87 -0.27 -4.54
CA VAL A 218 8.98 -1.39 -4.86
C VAL A 218 7.96 -1.56 -3.75
N SER A 219 6.71 -1.77 -4.13
CA SER A 219 5.62 -2.10 -3.23
C SER A 219 5.24 -3.58 -3.31
N LEU A 220 5.27 -4.26 -2.17
CA LEU A 220 4.87 -5.66 -2.06
C LEU A 220 3.90 -5.79 -0.90
N HIS A 221 2.96 -6.73 -0.99
CA HIS A 221 2.01 -7.03 0.07
C HIS A 221 2.24 -8.49 0.47
N MET A 222 2.32 -8.79 1.76
CA MET A 222 2.67 -10.14 2.19
C MET A 222 2.10 -10.44 3.57
N TYR A 223 0.95 -11.08 3.57
CA TYR A 223 0.24 -11.46 4.79
C TYR A 223 0.68 -12.87 5.17
N ALA A 224 1.91 -12.98 5.57
CA ALA A 224 2.54 -14.28 5.83
C ALA A 224 2.57 -14.61 7.31
N PRO A 225 2.53 -15.91 7.67
CA PRO A 225 2.16 -17.03 6.80
C PRO A 225 0.66 -17.05 6.59
N TYR A 226 0.25 -17.34 5.35
CA TYR A 226 -1.13 -17.26 4.93
C TYR A 226 -2.11 -17.97 5.86
N SER A 227 -1.80 -19.20 6.23
CA SER A 227 -2.77 -19.97 6.99
CA SER A 227 -2.76 -19.99 6.99
C SER A 227 -3.07 -19.35 8.34
N PHE A 228 -2.04 -18.86 9.02
CA PHE A 228 -2.23 -18.17 10.30
C PHE A 228 -2.85 -16.79 10.10
N ALA A 229 -2.31 -16.01 9.17
CA ALA A 229 -2.57 -14.58 9.13
C ALA A 229 -3.88 -14.27 8.44
N MET A 230 -4.21 -14.93 7.33
CA MET A 230 -5.38 -14.61 6.52
CA MET A 230 -5.38 -14.61 6.53
C MET A 230 -6.51 -15.61 6.62
N ASP A 231 -6.20 -16.89 6.71
CA ASP A 231 -7.21 -17.93 6.54
C ASP A 231 -8.02 -18.14 7.82
N PRO A 232 -9.31 -17.84 7.82
CA PRO A 232 -10.09 -18.05 9.04
C PRO A 232 -10.13 -19.50 9.47
N LYS A 233 -9.87 -20.43 8.55
CA LYS A 233 -9.86 -21.87 8.86
C LYS A 233 -8.49 -22.39 9.24
N GLY A 234 -7.45 -21.55 9.18
CA GLY A 234 -6.11 -21.95 9.49
C GLY A 234 -5.80 -21.87 10.96
N THR A 235 -4.59 -22.34 11.30
CA THR A 235 -4.11 -22.34 12.67
C THR A 235 -4.21 -20.97 13.31
N SER A 236 -4.38 -20.99 14.64
CA SER A 236 -4.36 -19.78 15.44
C SER A 236 -3.07 -19.60 16.23
N HIS A 237 -2.07 -20.44 15.98
CA HIS A 237 -0.79 -20.37 16.69
C HIS A 237 0.35 -20.03 15.75
N TRP A 238 1.22 -19.14 16.23
CA TRP A 238 2.44 -18.80 15.53
C TRP A 238 3.52 -18.68 16.56
N GLY A 239 4.67 -19.26 16.28
CA GLY A 239 5.84 -19.18 17.15
C GLY A 239 6.70 -20.40 16.89
N GLY A 240 7.97 -20.24 17.17
CA GLY A 240 8.89 -21.35 17.13
C GLY A 240 9.75 -21.32 15.88
N GLU A 241 10.70 -22.23 15.89
CA GLU A 241 11.77 -22.19 14.89
C GLU A 241 11.27 -22.39 13.46
N ALA A 242 10.32 -23.30 13.23
CA ALA A 242 9.84 -23.48 11.86
C ALA A 242 9.14 -22.24 11.32
N ASP A 243 8.33 -21.61 12.15
CA ASP A 243 7.63 -20.41 11.72
C ASP A 243 8.60 -19.27 11.43
N LYS A 244 9.61 -19.12 12.28
CA LYS A 244 10.63 -18.10 12.04
CA LYS A 244 10.63 -18.10 12.05
C LYS A 244 11.42 -18.40 10.78
N ASP A 245 11.78 -19.66 10.56
CA ASP A 245 12.54 -20.00 9.36
C ASP A 245 11.76 -19.68 8.09
N ALA A 246 10.47 -19.99 8.07
CA ALA A 246 9.70 -19.76 6.84
C ALA A 246 9.58 -18.27 6.56
N LEU A 247 9.28 -17.47 7.58
CA LEU A 247 9.12 -16.04 7.37
C LEU A 247 10.45 -15.39 7.02
N ASP A 248 11.51 -15.76 7.69
CA ASP A 248 12.83 -15.24 7.32
C ASP A 248 13.19 -15.59 5.89
N GLY A 249 12.84 -16.81 5.44
CA GLY A 249 13.09 -17.18 4.05
C GLY A 249 12.35 -16.26 3.09
N GLN A 250 11.10 -15.91 3.39
CA GLN A 250 10.34 -15.03 2.50
C GLN A 250 10.94 -13.64 2.47
N LEU A 251 11.32 -13.10 3.63
CA LEU A 251 11.93 -11.79 3.69
C LEU A 251 13.29 -11.78 3.03
N ASN A 252 14.05 -12.87 3.17
CA ASN A 252 15.36 -12.95 2.54
C ASN A 252 15.24 -12.99 1.02
N ALA A 253 14.20 -13.61 0.48
CA ALA A 253 14.02 -13.58 -0.96
C ALA A 253 13.82 -12.16 -1.47
N ILE A 254 13.04 -11.35 -0.75
CA ILE A 254 12.83 -9.95 -1.11
C ILE A 254 14.13 -9.17 -0.98
N TYR A 255 14.85 -9.38 0.11
CA TYR A 255 16.13 -8.72 0.31
C TYR A 255 17.10 -9.06 -0.83
N ASN A 256 17.20 -10.35 -1.16
CA ASN A 256 18.17 -10.75 -2.18
C ASN A 256 17.80 -10.27 -3.56
N LYS A 257 16.52 -10.19 -3.87
CA LYS A 257 16.12 -9.74 -5.20
C LYS A 257 16.28 -8.24 -5.39
N PHE A 258 15.84 -7.45 -4.41
CA PHE A 258 15.74 -5.99 -4.53
C PHE A 258 16.73 -5.26 -3.63
N VAL A 259 16.58 -5.38 -2.31
CA VAL A 259 17.23 -4.43 -1.41
C VAL A 259 18.74 -4.50 -1.54
N LYS A 260 19.28 -5.72 -1.61
CA LYS A 260 20.74 -5.91 -1.69
C LYS A 260 21.30 -5.34 -2.98
N ASN A 261 20.50 -5.27 -4.03
CA ASN A 261 20.90 -4.70 -5.31
C ASN A 261 20.61 -3.21 -5.42
N GLY A 262 20.36 -2.52 -4.30
CA GLY A 262 20.13 -1.10 -4.28
C GLY A 262 18.72 -0.67 -4.67
N GLN A 263 17.74 -1.58 -4.62
CA GLN A 263 16.35 -1.26 -4.94
C GLN A 263 15.52 -1.39 -3.66
N PRO A 264 15.13 -0.28 -3.02
CA PRO A 264 14.36 -0.37 -1.78
C PRO A 264 12.96 -0.91 -1.98
N VAL A 265 12.42 -1.42 -0.87
CA VAL A 265 11.12 -2.08 -0.82
C VAL A 265 10.37 -1.63 0.42
N VAL A 266 9.07 -1.36 0.25
CA VAL A 266 8.11 -1.22 1.34
C VAL A 266 7.09 -2.33 1.21
N ILE A 267 6.87 -3.07 2.30
CA ILE A 267 5.76 -4.02 2.40
C ILE A 267 4.58 -3.19 2.87
N GLY A 268 3.75 -2.73 1.90
CA GLY A 268 2.72 -1.78 2.18
C GLY A 268 1.46 -2.34 2.80
N GLN A 269 1.34 -3.67 2.85
CA GLN A 269 0.31 -4.36 3.62
C GLN A 269 0.90 -5.63 4.20
N PHE A 270 0.69 -5.82 5.50
CA PHE A 270 0.83 -7.11 6.18
C PHE A 270 -0.13 -7.09 7.35
N GLY A 271 -0.30 -8.20 8.02
CA GLY A 271 -1.17 -8.26 9.19
C GLY A 271 -1.67 -9.65 9.42
N SER A 272 -2.51 -9.77 10.45
CA SER A 272 -3.18 -11.03 10.79
C SER A 272 -4.57 -10.73 11.29
N ILE A 273 -5.48 -11.70 11.12
CA ILE A 273 -6.83 -11.56 11.61
C ILE A 273 -6.92 -11.99 13.08
N ASN A 274 -7.96 -11.50 13.75
CA ASN A 274 -8.24 -11.85 15.13
C ASN A 274 -8.82 -13.26 15.24
N LYS A 275 -8.06 -14.18 15.79
CA LYS A 275 -8.49 -15.51 16.16
C LYS A 275 -8.41 -15.71 17.67
N ASN A 276 -8.72 -14.67 18.44
CA ASN A 276 -8.61 -14.71 19.90
C ASN A 276 -7.22 -15.16 20.33
N ASN A 277 -6.21 -14.58 19.70
CA ASN A 277 -4.85 -15.14 19.72
C ASN A 277 -3.82 -14.03 19.71
N GLU A 278 -4.06 -12.98 20.52
CA GLU A 278 -3.19 -11.80 20.47
C GLU A 278 -1.72 -12.15 20.69
N SER A 279 -1.42 -13.10 21.57
CA SER A 279 -0.03 -13.43 21.85
CA SER A 279 -0.02 -13.40 21.85
C SER A 279 0.68 -13.94 20.60
N SER A 280 0.05 -14.86 19.89
CA SER A 280 0.64 -15.36 18.65
C SER A 280 0.77 -14.25 17.61
N ARG A 281 -0.27 -13.43 17.48
CA ARG A 281 -0.20 -12.34 16.52
C ARG A 281 0.93 -11.38 16.85
N ALA A 282 1.14 -11.10 18.14
CA ALA A 282 2.25 -10.24 18.57
C ALA A 282 3.60 -10.90 18.34
N SER A 283 3.71 -12.19 18.60
CA SER A 283 4.96 -12.89 18.30
C SER A 283 5.31 -12.81 16.82
N LEU A 284 4.32 -12.97 15.97
CA LEU A 284 4.52 -12.86 14.53
C LEU A 284 4.95 -11.45 14.17
N ALA A 285 4.21 -10.45 14.64
CA ALA A 285 4.51 -9.06 14.27
C ALA A 285 5.90 -8.68 14.76
N LYS A 286 6.26 -9.08 15.96
CA LYS A 286 7.57 -8.72 16.48
C LYS A 286 8.68 -9.23 15.56
N PHE A 287 8.61 -10.51 15.18
CA PHE A 287 9.62 -11.11 14.33
C PHE A 287 9.58 -10.51 12.94
N TYR A 288 8.38 -10.32 12.39
CA TYR A 288 8.23 -9.79 11.03
C TYR A 288 8.86 -8.41 10.94
N VAL A 289 8.47 -7.49 11.82
CA VAL A 289 8.97 -6.13 11.74
C VAL A 289 10.47 -6.09 11.99
N SER A 290 10.96 -6.84 12.99
CA SER A 290 12.40 -6.75 13.31
CA SER A 290 12.40 -6.79 13.33
C SER A 290 13.25 -7.39 12.22
N ASP A 291 12.82 -8.52 11.70
CA ASP A 291 13.59 -9.17 10.62
C ASP A 291 13.53 -8.34 9.34
N ALA A 292 12.36 -7.80 9.02
CA ALA A 292 12.27 -6.91 7.86
C ALA A 292 13.21 -5.72 7.99
N ARG A 293 13.25 -5.12 9.17
CA ARG A 293 14.11 -3.95 9.39
CA ARG A 293 14.12 -3.95 9.37
C ARG A 293 15.58 -4.32 9.23
N LYS A 294 15.98 -5.50 9.72
CA LYS A 294 17.35 -5.91 9.54
C LYS A 294 17.72 -6.02 8.08
N LYS A 295 16.75 -6.30 7.22
CA LYS A 295 16.90 -6.39 5.78
C LYS A 295 16.55 -5.08 5.06
N GLY A 296 16.41 -3.98 5.78
CA GLY A 296 16.16 -2.70 5.16
C GLY A 296 14.73 -2.46 4.68
N ILE A 297 13.78 -3.29 5.09
CA ILE A 297 12.41 -3.25 4.59
C ILE A 297 11.49 -2.66 5.66
N THR A 298 10.70 -1.65 5.29
CA THR A 298 9.67 -1.06 6.14
C THR A 298 8.34 -1.71 5.85
N THR A 299 7.52 -1.89 6.89
CA THR A 299 6.24 -2.58 6.83
C THR A 299 5.12 -1.65 7.24
N VAL A 300 3.91 -1.94 6.76
CA VAL A 300 2.73 -1.11 6.99
C VAL A 300 1.55 -2.06 7.30
N TRP A 301 1.04 -2.01 8.53
CA TRP A 301 -0.04 -2.88 8.98
C TRP A 301 -1.35 -2.56 8.30
N TRP A 302 -2.07 -3.55 7.83
CA TRP A 302 -3.41 -3.38 7.27
C TRP A 302 -4.47 -3.35 8.38
N ASP A 303 -5.11 -2.20 8.56
CA ASP A 303 -6.15 -1.99 9.57
C ASP A 303 -7.43 -1.60 8.81
N ASN A 304 -8.43 -2.45 8.82
CA ASN A 304 -9.72 -2.18 8.15
C ASN A 304 -10.83 -1.79 9.11
N GLY A 305 -10.52 -1.59 10.38
CA GLY A 305 -11.53 -1.16 11.34
C GLY A 305 -12.39 -2.29 11.87
N LYS A 306 -12.07 -3.53 11.58
CA LYS A 306 -12.86 -4.70 11.98
C LYS A 306 -12.03 -5.49 12.99
N SER A 307 -12.48 -5.53 14.26
CA SER A 307 -11.71 -6.18 15.32
C SER A 307 -12.45 -7.30 16.02
N ALA A 308 -13.56 -7.77 15.47
CA ALA A 308 -14.24 -8.95 15.99
C ALA A 308 -13.45 -10.20 15.63
N VAL A 309 -13.94 -11.36 16.00
CA VAL A 309 -13.21 -12.60 15.79
C VAL A 309 -13.51 -13.17 14.41
N GLY A 310 -12.47 -13.52 13.67
CA GLY A 310 -12.61 -14.34 12.48
C GLY A 310 -12.31 -13.58 11.19
N ASP A 311 -12.87 -14.11 10.11
CA ASP A 311 -12.54 -13.69 8.76
C ASP A 311 -12.49 -12.18 8.62
N ASP A 312 -11.38 -11.70 8.08
CA ASP A 312 -11.21 -10.32 7.62
C ASP A 312 -11.15 -9.31 8.77
N ASN A 313 -10.92 -9.72 10.00
CA ASN A 313 -10.89 -8.76 11.11
C ASN A 313 -9.43 -8.41 11.43
N TYR A 314 -8.90 -7.43 10.67
CA TYR A 314 -7.52 -6.96 10.78
C TYR A 314 -7.37 -5.71 11.65
N GLY A 315 -8.46 -5.11 12.11
CA GLY A 315 -8.38 -3.86 12.83
C GLY A 315 -7.71 -4.02 14.18
N ILE A 316 -6.90 -3.04 14.54
CA ILE A 316 -6.26 -3.00 15.85
C ILE A 316 -6.58 -1.73 16.63
N LEU A 317 -7.04 -0.67 15.97
CA LEU A 317 -7.55 0.54 16.60
C LEU A 317 -9.07 0.53 16.55
N ASP A 318 -9.74 0.79 17.65
CA ASP A 318 -11.17 1.08 17.63
C ASP A 318 -11.27 2.58 17.39
N ARG A 319 -11.66 2.95 16.16
CA ARG A 319 -11.66 4.35 15.77
C ARG A 319 -12.78 5.12 16.45
N ASN A 320 -13.86 4.44 16.84
CA ASN A 320 -15.03 5.12 17.39
C ASN A 320 -14.81 5.56 18.82
N ASN A 321 -14.02 4.83 19.59
CA ASN A 321 -13.73 5.21 20.97
C ASN A 321 -12.24 5.49 21.17
N LEU A 322 -11.47 5.59 20.08
CA LEU A 322 -10.08 5.96 20.13
C LEU A 322 -9.27 5.06 21.08
N THR A 323 -9.46 3.73 20.97
CA THR A 323 -8.85 2.76 21.88
C THR A 323 -8.08 1.71 21.09
N TRP A 324 -6.83 1.43 21.46
CA TRP A 324 -6.14 0.27 20.89
C TRP A 324 -6.73 -1.00 21.49
N VAL A 325 -7.24 -1.87 20.63
CA VAL A 325 -7.96 -3.09 21.03
C VAL A 325 -6.98 -4.17 21.49
N PHE A 326 -5.82 -4.22 20.85
CA PHE A 326 -4.82 -5.29 21.03
C PHE A 326 -3.52 -4.60 21.44
N PRO A 327 -3.39 -4.20 22.71
CA PRO A 327 -2.26 -3.32 23.10
C PRO A 327 -0.93 -4.01 23.02
N LYS A 328 -0.84 -5.31 23.26
CA LYS A 328 0.44 -5.99 23.15
C LYS A 328 0.88 -6.05 21.69
N LEU A 329 -0.06 -6.29 20.80
CA LEU A 329 0.21 -6.36 19.37
C LEU A 329 0.66 -5.02 18.84
N VAL A 330 -0.05 -3.94 19.19
N VAL A 330 -0.02 -3.94 19.20
CA VAL A 330 0.38 -2.64 18.66
CA VAL A 330 0.37 -2.66 18.64
C VAL A 330 1.80 -2.35 19.10
C VAL A 330 1.75 -2.23 19.14
N ARG A 331 2.11 -2.61 20.37
CA ARG A 331 3.45 -2.32 20.87
C ARG A 331 4.53 -3.11 20.12
N THR A 332 4.28 -4.39 19.80
CA THR A 332 5.24 -5.16 19.00
C THR A 332 5.42 -4.60 17.60
N ILE A 333 4.37 -4.00 17.02
CA ILE A 333 4.49 -3.41 15.69
C ILE A 333 5.42 -2.21 15.71
N VAL A 334 5.27 -1.33 16.70
CA VAL A 334 5.96 -0.03 16.72
C VAL A 334 7.30 -0.04 17.46
N ASN A 335 7.67 -1.13 18.08
CA ASN A 335 8.92 -1.15 18.85
C ASN A 335 10.15 -1.15 17.93
C1 EDO B . -16.91 15.17 -20.79
O1 EDO B . -17.23 16.05 -21.93
C2 EDO B . -16.33 13.87 -21.30
O2 EDO B . -17.31 13.11 -22.07
H11 EDO B . -16.19 15.67 -20.14
H12 EDO B . -17.82 14.98 -20.22
HO1 EDO B . -17.59 16.88 -21.61
H21 EDO B . -15.46 14.08 -21.92
H22 EDO B . -15.99 13.28 -20.45
HO2 EDO B . -16.92 12.28 -22.37
C1 EDO C . -5.62 -9.12 -0.52
O1 EDO C . -6.01 -8.01 -1.33
C2 EDO C . -4.46 -8.76 0.40
O2 EDO C . -3.25 -8.65 -0.35
H11 EDO C . -6.47 -9.46 0.08
H12 EDO C . -5.33 -9.95 -1.16
HO1 EDO C . -6.76 -8.26 -1.89
H21 EDO C . -4.36 -9.52 1.17
H22 EDO C . -4.68 -7.81 0.88
HO2 EDO C . -2.53 -8.42 0.23
C1 EDO D . -1.60 -10.69 -1.83
O1 EDO D . -1.48 -10.41 -0.44
C2 EDO D . -0.45 -10.01 -2.55
O2 EDO D . -0.64 -10.39 -3.90
H11 EDO D . -1.57 -11.78 -1.98
H12 EDO D . -2.56 -10.33 -2.20
HO1 EDO D . -2.21 -10.83 0.04
H21 EDO D . 0.52 -10.35 -2.17
H22 EDO D . -0.50 -8.92 -2.43
HO2 EDO D . 0.06 -10.00 -4.45
CL CL E . 8.75 -25.34 15.54
#